data_1SCH
#
_entry.id   1SCH
#
_cell.length_a   48.100
_cell.length_b   97.200
_cell.length_c   146.200
_cell.angle_alpha   90.00
_cell.angle_beta   90.00
_cell.angle_gamma   90.00
#
_symmetry.space_group_name_H-M   'P 21 21 21'
#
loop_
_entity.id
_entity.type
_entity.pdbx_description
1 polymer 'PEANUT PEROXIDASE, MAJOR CATIONIC ISOZYME'
2 non-polymer 'CALCIUM ION'
3 non-polymer 'PROTOPORPHYRIN IX CONTAINING FE'
4 non-polymer 2-acetamido-2-deoxy-beta-D-glucopyranose
5 water water
#
_entity_poly.entity_id   1
_entity_poly.type   'polypeptide(L)'
_entity_poly.pdbx_seq_one_letter_code
;(PCA)LSSNFYATKCPNALSTIKSAVNSAVAKEARMGASLLRLHFHDCFVQGCDASVLLDDTSNFTGEKTAGPNANSIRG
FEVIDTIKSQVESLCPGVVSCADILAVAARDSVVALGGASWNVLLGRRDSTTASLSSANSDLPAPFFNLSGLISAFSNKG
FTTKELVTLSGAHTIGQAQCTAFRTRIYNESNIDPTYAKSLQANCPSVGGDTNLSPFDVTTPNKFDNAYYINLRNKKGLL
HSDQQLFNGVSTDSQVTAYSNNAATFNTDFGNAMIKMGNLSPLTGTSGQIRTNCRKTN
;
_entity_poly.pdbx_strand_id   A,B
#
loop_
_chem_comp.id
_chem_comp.type
_chem_comp.name
_chem_comp.formula
CA non-polymer 'CALCIUM ION' 'Ca 2'
HEM non-polymer 'PROTOPORPHYRIN IX CONTAINING FE' 'C34 H32 Fe N4 O4'
NAG D-saccharide, beta linking 2-acetamido-2-deoxy-beta-D-glucopyranose 'C8 H15 N O6'
#
# COMPACT_ATOMS: atom_id res chain seq x y z
N PCA A 1 -10.91 -0.17 -9.79
CA PCA A 1 -12.03 -0.29 -10.71
CB PCA A 1 -13.11 -0.91 -9.82
CG PCA A 1 -12.77 -0.40 -8.43
CD PCA A 1 -11.29 -0.05 -8.54
OE PCA A 1 -10.55 0.20 -7.57
C PCA A 1 -12.48 1.05 -11.30
O PCA A 1 -13.56 1.16 -11.87
N LEU A 2 -11.65 2.07 -11.14
CA LEU A 2 -11.96 3.40 -11.66
C LEU A 2 -11.82 3.34 -13.18
N SER A 3 -12.74 3.96 -13.90
CA SER A 3 -12.70 3.97 -15.37
C SER A 3 -12.94 5.36 -15.92
N SER A 4 -12.39 5.65 -17.10
CA SER A 4 -12.53 6.95 -17.74
C SER A 4 -13.93 7.24 -18.26
N ASN A 5 -14.67 6.18 -18.57
CA ASN A 5 -16.03 6.31 -19.09
C ASN A 5 -17.06 5.86 -18.06
N PHE A 6 -16.75 6.05 -16.79
CA PHE A 6 -17.64 5.65 -15.71
C PHE A 6 -19.02 6.31 -15.78
N TYR A 7 -19.06 7.58 -16.14
CA TYR A 7 -20.33 8.29 -16.22
C TYR A 7 -20.88 8.39 -17.63
N ALA A 8 -20.23 7.72 -18.58
CA ALA A 8 -20.64 7.74 -19.98
C ALA A 8 -22.11 7.41 -20.19
N THR A 9 -22.62 6.41 -19.46
CA THR A 9 -24.01 6.02 -19.57
C THR A 9 -24.86 6.69 -18.48
N LYS A 10 -24.36 6.64 -17.25
CA LYS A 10 -25.04 7.22 -16.09
C LYS A 10 -25.34 8.70 -16.18
N CYS A 11 -24.43 9.46 -16.80
CA CYS A 11 -24.58 10.89 -16.92
C CYS A 11 -23.65 11.42 -18.01
N PRO A 12 -24.04 11.27 -19.28
CA PRO A 12 -23.24 11.72 -20.43
C PRO A 12 -22.64 13.12 -20.31
N ASN A 13 -23.45 14.09 -19.89
CA ASN A 13 -23.01 15.47 -19.79
C ASN A 13 -22.25 15.88 -18.53
N ALA A 14 -21.95 14.92 -17.66
CA ALA A 14 -21.22 15.19 -16.42
C ALA A 14 -19.95 16.00 -16.67
N LEU A 15 -19.04 15.44 -17.44
CA LEU A 15 -17.77 16.08 -17.75
C LEU A 15 -17.85 17.45 -18.41
N SER A 16 -18.76 17.61 -19.36
CA SER A 16 -18.94 18.89 -20.06
C SER A 16 -19.29 20.01 -19.09
N THR A 17 -20.25 19.74 -18.21
CA THR A 17 -20.71 20.71 -17.22
C THR A 17 -19.58 21.15 -16.29
N ILE A 18 -18.86 20.21 -15.71
CA ILE A 18 -17.75 20.53 -14.83
C ILE A 18 -16.73 21.40 -15.58
N LYS A 19 -16.46 21.06 -16.84
CA LYS A 19 -15.51 21.83 -17.63
C LYS A 19 -15.94 23.29 -17.79
N SER A 20 -17.20 23.51 -18.17
CA SER A 20 -17.70 24.86 -18.35
C SER A 20 -17.68 25.66 -17.05
N ALA A 21 -18.09 25.00 -15.96
CA ALA A 21 -18.10 25.65 -14.65
C ALA A 21 -16.69 25.99 -14.20
N VAL A 22 -15.73 25.12 -14.51
CA VAL A 22 -14.34 25.34 -14.13
C VAL A 22 -13.74 26.46 -14.97
N ASN A 23 -13.99 26.41 -16.27
CA ASN A 23 -13.47 27.42 -17.17
C ASN A 23 -13.95 28.82 -16.79
N SER A 24 -15.24 28.95 -16.47
CA SER A 24 -15.77 30.24 -16.09
C SER A 24 -15.16 30.71 -14.78
N ALA A 25 -14.92 29.76 -13.87
CA ALA A 25 -14.35 30.08 -12.57
C ALA A 25 -12.91 30.58 -12.72
N VAL A 26 -12.10 29.82 -13.45
CA VAL A 26 -10.71 30.17 -13.67
C VAL A 26 -10.57 31.39 -14.59
N ALA A 27 -11.62 31.68 -15.35
CA ALA A 27 -11.62 32.84 -16.24
C ALA A 27 -11.82 34.11 -15.42
N LYS A 28 -12.47 33.97 -14.27
CA LYS A 28 -12.71 35.10 -13.37
C LYS A 28 -11.50 35.28 -12.46
N GLU A 29 -10.96 34.16 -11.99
CA GLU A 29 -9.79 34.17 -11.12
C GLU A 29 -8.88 33.02 -11.50
N ALA A 30 -7.79 33.36 -12.18
CA ALA A 30 -6.81 32.37 -12.62
C ALA A 30 -6.26 31.58 -11.43
N ARG A 31 -6.21 32.23 -10.28
CA ARG A 31 -5.71 31.59 -9.05
C ARG A 31 -6.66 30.47 -8.65
N MET A 32 -7.92 30.59 -9.02
CA MET A 32 -8.91 29.57 -8.71
C MET A 32 -8.57 28.26 -9.37
N GLY A 33 -7.80 28.33 -10.45
CA GLY A 33 -7.38 27.11 -11.15
C GLY A 33 -6.41 26.37 -10.26
N ALA A 34 -5.53 27.13 -9.61
CA ALA A 34 -4.54 26.57 -8.69
C ALA A 34 -5.20 26.03 -7.44
N SER A 35 -6.13 26.80 -6.87
CA SER A 35 -6.83 26.38 -5.66
C SER A 35 -7.46 25.02 -5.85
N LEU A 36 -8.15 24.84 -6.97
CA LEU A 36 -8.84 23.58 -7.27
C LEU A 36 -7.88 22.41 -7.42
N LEU A 37 -6.75 22.64 -8.08
CA LEU A 37 -5.76 21.59 -8.26
C LEU A 37 -5.28 21.09 -6.90
N ARG A 38 -5.03 22.03 -6.00
CA ARG A 38 -4.58 21.73 -4.65
C ARG A 38 -5.65 21.04 -3.80
N LEU A 39 -6.90 21.43 -4.00
CA LEU A 39 -8.01 20.84 -3.26
C LEU A 39 -8.02 19.32 -3.48
N HIS A 40 -7.74 18.89 -4.70
CA HIS A 40 -7.69 17.46 -5.03
C HIS A 40 -6.52 16.76 -4.30
N PHE A 41 -5.37 17.43 -4.24
CA PHE A 41 -4.18 16.89 -3.58
C PHE A 41 -4.45 16.70 -2.09
N HIS A 42 -5.02 17.71 -1.45
CA HIS A 42 -5.33 17.62 -0.02
C HIS A 42 -6.39 16.57 0.24
N ASP A 43 -7.24 16.34 -0.75
CA ASP A 43 -8.27 15.35 -0.63
C ASP A 43 -7.65 13.95 -0.67
N CYS A 44 -6.80 13.71 -1.67
CA CYS A 44 -6.15 12.43 -1.86
C CYS A 44 -5.12 12.03 -0.79
N PHE A 45 -4.32 12.98 -0.32
CA PHE A 45 -3.32 12.68 0.68
C PHE A 45 -3.83 12.36 2.10
N VAL A 46 -5.13 12.49 2.31
CA VAL A 46 -5.73 12.19 3.60
C VAL A 46 -6.85 11.18 3.40
N GLN A 47 -6.58 9.94 3.79
CA GLN A 47 -7.49 8.80 3.65
C GLN A 47 -8.14 8.69 2.27
N GLY A 48 -7.30 8.83 1.25
CA GLY A 48 -7.75 8.73 -0.13
C GLY A 48 -8.59 9.84 -0.73
N CYS A 49 -8.77 9.74 -2.04
CA CYS A 49 -9.56 10.71 -2.80
C CYS A 49 -11.03 10.35 -2.63
N ASP A 50 -11.58 10.75 -1.49
CA ASP A 50 -12.97 10.46 -1.15
C ASP A 50 -13.76 11.70 -0.75
N ALA A 51 -13.31 12.87 -1.19
CA ALA A 51 -13.97 14.13 -0.89
C ALA A 51 -14.13 14.48 0.61
N SER A 52 -13.39 13.79 1.48
CA SER A 52 -13.51 14.06 2.91
C SER A 52 -13.16 15.48 3.31
N VAL A 53 -12.25 16.10 2.57
CA VAL A 53 -11.84 17.48 2.85
C VAL A 53 -12.95 18.50 2.59
N LEU A 54 -14.04 18.04 1.98
CA LEU A 54 -15.16 18.91 1.66
C LEU A 54 -16.23 18.99 2.74
N LEU A 55 -16.22 18.02 3.65
CA LEU A 55 -17.19 17.98 4.74
C LEU A 55 -16.98 19.11 5.73
N ASP A 56 -18.09 19.75 6.10
CA ASP A 56 -18.08 20.86 7.04
C ASP A 56 -18.15 20.37 8.48
N ASP A 57 -17.71 21.23 9.39
CA ASP A 57 -17.75 20.94 10.82
C ASP A 57 -19.17 21.25 11.26
N THR A 58 -19.65 20.55 12.28
CA THR A 58 -20.99 20.80 12.80
C THR A 58 -20.88 20.85 14.32
N SER A 59 -22.01 20.79 15.00
CA SER A 59 -22.06 20.83 16.46
C SER A 59 -21.40 19.60 17.08
N ASN A 60 -21.45 18.46 16.38
CA ASN A 60 -20.86 17.23 16.90
C ASN A 60 -19.95 16.52 15.89
N PHE A 61 -19.41 17.27 14.94
CA PHE A 61 -18.52 16.71 13.92
C PHE A 61 -17.43 17.68 13.51
N THR A 62 -16.19 17.25 13.66
CA THR A 62 -15.06 18.07 13.26
C THR A 62 -14.44 17.43 12.03
N GLY A 63 -14.39 18.17 10.92
CA GLY A 63 -13.82 17.66 9.69
C GLY A 63 -12.33 17.94 9.57
N GLU A 64 -11.87 18.15 8.34
CA GLU A 64 -10.45 18.42 8.10
C GLU A 64 -10.12 19.87 7.78
N LYS A 65 -11.13 20.70 7.56
CA LYS A 65 -10.90 22.10 7.21
C LYS A 65 -10.08 22.90 8.22
N THR A 66 -10.16 22.55 9.50
CA THR A 66 -9.41 23.26 10.53
C THR A 66 -8.03 22.67 10.78
N ALA A 67 -7.70 21.62 10.04
CA ALA A 67 -6.39 20.99 10.18
C ALA A 67 -5.34 22.06 9.88
N GLY A 68 -4.22 21.98 10.60
CA GLY A 68 -3.14 22.94 10.42
C GLY A 68 -2.82 23.35 8.99
N PRO A 69 -2.47 22.41 8.10
CA PRO A 69 -2.15 22.70 6.70
C PRO A 69 -3.30 23.20 5.84
N ASN A 70 -4.52 23.14 6.36
CA ASN A 70 -5.72 23.58 5.65
C ASN A 70 -6.25 24.92 6.11
N ALA A 71 -6.14 25.16 7.42
CA ALA A 71 -6.63 26.38 8.04
C ALA A 71 -6.25 27.63 7.26
N ASN A 72 -7.27 28.31 6.75
CA ASN A 72 -7.11 29.55 6.00
C ASN A 72 -6.19 29.46 4.79
N SER A 73 -6.13 28.29 4.16
CA SER A 73 -5.28 28.11 2.99
C SER A 73 -6.07 27.60 1.79
N ILE A 74 -6.66 26.42 1.94
CA ILE A 74 -7.42 25.82 0.87
C ILE A 74 -8.71 26.58 0.59
N ARG A 75 -9.04 26.72 -0.69
CA ARG A 75 -10.23 27.42 -1.14
C ARG A 75 -10.91 26.68 -2.30
N GLY A 76 -11.88 27.34 -2.93
CA GLY A 76 -12.58 26.75 -4.06
C GLY A 76 -13.83 26.00 -3.68
N PHE A 77 -14.17 26.03 -2.39
CA PHE A 77 -15.35 25.34 -1.88
C PHE A 77 -16.61 25.81 -2.60
N GLU A 78 -16.74 27.13 -2.78
CA GLU A 78 -17.88 27.72 -3.45
C GLU A 78 -18.01 27.23 -4.88
N VAL A 79 -16.88 27.10 -5.56
CA VAL A 79 -16.88 26.62 -6.94
C VAL A 79 -17.43 25.20 -6.96
N ILE A 80 -16.92 24.35 -6.07
CA ILE A 80 -17.38 22.96 -5.99
C ILE A 80 -18.88 22.92 -5.75
N ASP A 81 -19.39 23.84 -4.93
CA ASP A 81 -20.81 23.89 -4.63
C ASP A 81 -21.68 24.13 -5.85
N THR A 82 -21.27 25.06 -6.71
CA THR A 82 -22.05 25.35 -7.90
C THR A 82 -21.93 24.21 -8.91
N ILE A 83 -20.72 23.68 -9.07
CA ILE A 83 -20.48 22.57 -10.00
C ILE A 83 -21.36 21.39 -9.56
N LYS A 84 -21.40 21.15 -8.26
CA LYS A 84 -22.19 20.07 -7.71
C LYS A 84 -23.67 20.27 -7.97
N SER A 85 -24.17 21.47 -7.67
CA SER A 85 -25.59 21.77 -7.88
C SER A 85 -26.00 21.67 -9.35
N GLN A 86 -25.11 22.11 -10.24
CA GLN A 86 -25.36 22.05 -11.66
C GLN A 86 -25.46 20.58 -12.07
N VAL A 87 -24.49 19.78 -11.65
CA VAL A 87 -24.48 18.34 -11.98
C VAL A 87 -25.65 17.62 -11.30
N GLU A 88 -26.02 18.06 -10.11
CA GLU A 88 -27.13 17.44 -9.41
C GLU A 88 -28.46 17.65 -10.13
N SER A 89 -28.65 18.84 -10.71
CA SER A 89 -29.88 19.13 -11.45
C SER A 89 -29.83 18.43 -12.81
N LEU A 90 -28.62 18.13 -13.26
CA LEU A 90 -28.41 17.45 -14.53
C LEU A 90 -28.82 15.99 -14.40
N CYS A 91 -28.13 15.26 -13.52
CA CYS A 91 -28.41 13.85 -13.27
C CYS A 91 -28.25 13.63 -11.78
N PRO A 92 -29.37 13.73 -11.02
CA PRO A 92 -29.42 13.58 -9.57
C PRO A 92 -28.78 12.31 -9.00
N GLY A 93 -27.98 12.53 -7.94
CA GLY A 93 -27.32 11.46 -7.23
C GLY A 93 -26.45 10.48 -8.00
N VAL A 94 -25.79 10.94 -9.06
CA VAL A 94 -24.94 10.05 -9.85
C VAL A 94 -23.47 10.36 -9.67
N VAL A 95 -23.07 11.57 -10.02
CA VAL A 95 -21.68 12.00 -9.91
C VAL A 95 -21.32 12.31 -8.45
N SER A 96 -20.17 11.81 -8.01
CA SER A 96 -19.69 12.02 -6.66
C SER A 96 -18.82 13.26 -6.53
N CYS A 97 -18.67 13.75 -5.31
CA CYS A 97 -17.83 14.92 -5.07
C CYS A 97 -16.35 14.55 -5.23
N ALA A 98 -16.00 13.32 -4.87
CA ALA A 98 -14.64 12.81 -4.97
C ALA A 98 -14.16 12.91 -6.40
N ASP A 99 -15.03 12.53 -7.33
CA ASP A 99 -14.73 12.59 -8.75
C ASP A 99 -14.66 14.00 -9.26
N ILE A 100 -15.66 14.80 -8.93
CA ILE A 100 -15.73 16.20 -9.34
C ILE A 100 -14.37 16.86 -9.07
N LEU A 101 -13.82 16.62 -7.90
CA LEU A 101 -12.53 17.17 -7.49
C LEU A 101 -11.42 16.77 -8.45
N ALA A 102 -11.39 15.49 -8.81
CA ALA A 102 -10.39 14.96 -9.73
C ALA A 102 -10.51 15.62 -11.11
N VAL A 103 -11.73 15.72 -11.60
CA VAL A 103 -12.00 16.33 -12.90
C VAL A 103 -11.60 17.80 -12.88
N ALA A 104 -12.07 18.52 -11.85
CA ALA A 104 -11.79 19.95 -11.68
C ALA A 104 -10.28 20.25 -11.66
N ALA A 105 -9.50 19.39 -11.03
CA ALA A 105 -8.06 19.56 -10.97
C ALA A 105 -7.48 19.46 -12.38
N ARG A 106 -7.99 18.52 -13.15
CA ARG A 106 -7.51 18.31 -14.51
C ARG A 106 -7.86 19.51 -15.38
N ASP A 107 -9.14 19.88 -15.39
CA ASP A 107 -9.62 20.99 -16.18
C ASP A 107 -8.90 22.29 -15.84
N SER A 108 -8.57 22.49 -14.57
CA SER A 108 -7.87 23.70 -14.15
C SER A 108 -6.48 23.77 -14.76
N VAL A 109 -5.77 22.66 -14.72
CA VAL A 109 -4.43 22.58 -15.28
C VAL A 109 -4.48 22.93 -16.77
N VAL A 110 -5.46 22.35 -17.47
CA VAL A 110 -5.65 22.58 -18.89
C VAL A 110 -6.06 24.02 -19.18
N ALA A 111 -6.96 24.56 -18.38
CA ALA A 111 -7.43 25.93 -18.57
C ALA A 111 -6.27 26.90 -18.39
N LEU A 112 -5.25 26.47 -17.65
CA LEU A 112 -4.09 27.32 -17.42
C LEU A 112 -2.95 27.04 -18.38
N GLY A 113 -3.26 26.36 -19.48
CA GLY A 113 -2.26 26.06 -20.49
C GLY A 113 -1.43 24.81 -20.27
N GLY A 114 -1.97 23.87 -19.49
CA GLY A 114 -1.26 22.63 -19.24
C GLY A 114 -1.76 21.54 -20.16
N ALA A 115 -1.14 20.37 -20.10
CA ALA A 115 -1.51 19.22 -20.93
C ALA A 115 -2.48 18.35 -20.14
N SER A 116 -3.57 17.93 -20.78
CA SER A 116 -4.56 17.10 -20.12
C SER A 116 -4.19 15.63 -19.98
N TRP A 117 -4.76 15.00 -18.96
CA TRP A 117 -4.55 13.59 -18.69
C TRP A 117 -5.96 13.04 -18.51
N ASN A 118 -6.11 11.75 -18.74
CA ASN A 118 -7.42 11.12 -18.62
C ASN A 118 -7.72 10.81 -17.15
N VAL A 119 -8.65 11.54 -16.56
CA VAL A 119 -9.03 11.32 -15.17
C VAL A 119 -9.83 10.04 -15.06
N LEU A 120 -9.52 9.24 -14.04
CA LEU A 120 -10.22 7.99 -13.81
C LEU A 120 -11.37 8.28 -12.87
N LEU A 121 -12.56 7.79 -13.23
CA LEU A 121 -13.76 8.04 -12.44
C LEU A 121 -14.30 6.80 -11.77
N GLY A 122 -15.13 6.99 -10.75
CA GLY A 122 -15.72 5.86 -10.04
C GLY A 122 -15.53 5.92 -8.54
N ARG A 123 -15.08 7.06 -8.02
CA ARG A 123 -14.86 7.21 -6.59
C ARG A 123 -16.16 7.55 -5.89
N ARG A 124 -16.23 7.17 -4.62
CA ARG A 124 -17.41 7.41 -3.80
C ARG A 124 -16.99 8.41 -2.71
N ASP A 125 -17.97 9.05 -2.09
CA ASP A 125 -17.69 10.04 -1.04
C ASP A 125 -17.66 9.42 0.36
N SER A 126 -16.75 9.91 1.18
CA SER A 126 -16.60 9.42 2.55
C SER A 126 -17.71 9.87 3.48
N THR A 127 -17.90 9.12 4.55
CA THR A 127 -18.90 9.42 5.57
C THR A 127 -18.16 10.02 6.76
N THR A 128 -16.84 10.06 6.67
CA THR A 128 -16.00 10.57 7.74
C THR A 128 -14.86 11.46 7.20
N ALA A 129 -14.11 12.04 8.12
CA ALA A 129 -12.99 12.91 7.78
C ALA A 129 -11.99 12.80 8.91
N SER A 130 -10.70 12.86 8.61
CA SER A 130 -9.68 12.72 9.63
C SER A 130 -8.87 13.99 9.84
N LEU A 131 -9.20 14.73 10.89
CA LEU A 131 -8.50 15.96 11.24
C LEU A 131 -7.05 15.59 11.55
N SER A 132 -6.89 14.53 12.33
CA SER A 132 -5.58 14.04 12.73
C SER A 132 -4.69 13.60 11.56
N SER A 133 -5.23 12.76 10.68
CA SER A 133 -4.48 12.28 9.51
C SER A 133 -4.09 13.46 8.62
N ALA A 134 -4.97 14.47 8.56
CA ALA A 134 -4.73 15.66 7.76
C ALA A 134 -3.49 16.37 8.29
N ASN A 135 -3.41 16.50 9.61
CA ASN A 135 -2.28 17.16 10.25
C ASN A 135 -0.96 16.42 10.10
N SER A 136 -1.00 15.15 9.72
CA SER A 136 0.24 14.38 9.59
C SER A 136 0.64 13.93 8.19
N ASP A 137 -0.34 13.46 7.41
CA ASP A 137 -0.06 12.97 6.07
C ASP A 137 0.24 14.07 5.07
N LEU A 138 -0.09 15.30 5.43
CA LEU A 138 0.16 16.46 4.56
C LEU A 138 1.47 17.15 4.93
N PRO A 139 2.37 17.31 3.95
CA PRO A 139 3.69 17.94 4.11
C PRO A 139 3.60 19.44 4.42
N ALA A 140 4.59 19.93 5.16
CA ALA A 140 4.68 21.34 5.54
C ALA A 140 5.75 22.02 4.69
N PRO A 141 5.65 23.35 4.51
CA PRO A 141 6.62 24.12 3.72
C PRO A 141 8.05 24.17 4.27
N PHE A 142 8.22 23.76 5.53
CA PHE A 142 9.53 23.78 6.18
C PHE A 142 10.28 22.45 6.18
N PHE A 143 9.66 21.40 5.66
CA PHE A 143 10.29 20.08 5.60
C PHE A 143 11.56 20.13 4.74
N ASN A 144 12.46 19.18 4.99
CA ASN A 144 13.68 19.08 4.21
C ASN A 144 13.48 17.91 3.26
N LEU A 145 14.38 17.76 2.29
CA LEU A 145 14.29 16.67 1.30
C LEU A 145 13.87 15.36 1.97
N SER A 146 14.45 15.09 3.14
CA SER A 146 14.15 13.89 3.90
C SER A 146 12.65 13.79 4.18
N GLY A 147 12.13 14.78 4.90
CA GLY A 147 10.71 14.79 5.23
C GLY A 147 9.84 14.77 3.98
N LEU A 148 10.24 15.51 2.96
CA LEU A 148 9.48 15.57 1.72
C LEU A 148 9.39 14.19 1.11
N ILE A 149 10.55 13.53 1.03
CA ILE A 149 10.62 12.18 0.49
C ILE A 149 9.74 11.24 1.31
N SER A 150 9.93 11.25 2.63
CA SER A 150 9.17 10.39 3.54
C SER A 150 7.66 10.59 3.40
N ALA A 151 7.23 11.85 3.37
CA ALA A 151 5.81 12.19 3.23
C ALA A 151 5.22 11.58 1.95
N PHE A 152 5.92 11.75 0.84
CA PHE A 152 5.46 11.20 -0.43
C PHE A 152 5.68 9.70 -0.54
N SER A 153 6.69 9.21 0.18
CA SER A 153 7.03 7.79 0.19
C SER A 153 5.90 7.05 0.90
N ASN A 154 5.32 7.67 1.91
CA ASN A 154 4.23 7.08 2.68
C ASN A 154 2.98 6.84 1.84
N LYS A 155 2.85 7.56 0.75
CA LYS A 155 1.70 7.41 -0.13
C LYS A 155 2.02 6.59 -1.37
N GLY A 156 3.22 6.00 -1.40
CA GLY A 156 3.63 5.20 -2.53
C GLY A 156 4.31 5.94 -3.65
N PHE A 157 4.66 7.21 -3.44
CA PHE A 157 5.31 8.02 -4.46
C PHE A 157 6.84 7.99 -4.33
N THR A 158 7.52 8.00 -5.47
CA THR A 158 8.98 7.96 -5.52
C THR A 158 9.54 9.39 -5.50
N THR A 159 10.83 9.52 -5.24
CA THR A 159 11.49 10.83 -5.19
C THR A 159 11.25 11.61 -6.48
N LYS A 160 11.37 10.95 -7.63
CA LYS A 160 11.16 11.58 -8.92
C LYS A 160 9.74 12.14 -9.00
N GLU A 161 8.79 11.35 -8.51
CA GLU A 161 7.39 11.73 -8.51
C GLU A 161 7.16 12.91 -7.56
N LEU A 162 7.98 12.97 -6.50
CA LEU A 162 7.89 14.08 -5.58
C LEU A 162 8.26 15.34 -6.35
N VAL A 163 9.40 15.29 -7.04
CA VAL A 163 9.87 16.43 -7.82
C VAL A 163 8.84 16.85 -8.85
N THR A 164 8.28 15.90 -9.58
CA THR A 164 7.30 16.21 -10.60
C THR A 164 6.03 16.82 -10.00
N LEU A 165 5.58 16.27 -8.87
CA LEU A 165 4.36 16.79 -8.24
C LEU A 165 4.54 18.21 -7.68
N SER A 166 5.75 18.54 -7.24
CA SER A 166 6.03 19.88 -6.73
C SER A 166 5.88 20.88 -7.87
N GLY A 167 5.90 20.36 -9.11
CA GLY A 167 5.75 21.20 -10.28
C GLY A 167 4.42 21.92 -10.30
N ALA A 168 3.48 21.47 -9.47
CA ALA A 168 2.15 22.08 -9.37
C ALA A 168 2.29 23.53 -8.93
N HIS A 169 3.41 23.85 -8.29
CA HIS A 169 3.71 25.18 -7.82
C HIS A 169 4.15 26.13 -8.94
N THR A 170 3.79 25.80 -10.18
CA THR A 170 4.11 26.64 -11.33
C THR A 170 3.01 27.69 -11.48
N ILE A 171 1.94 27.53 -10.71
CA ILE A 171 0.81 28.44 -10.71
C ILE A 171 0.40 28.59 -9.26
N GLY A 172 -0.54 29.50 -9.01
CA GLY A 172 -1.03 29.72 -7.66
C GLY A 172 -0.24 30.73 -6.88
N GLN A 173 -0.65 30.95 -5.65
CA GLN A 173 0.01 31.91 -4.77
C GLN A 173 0.13 31.34 -3.37
N ALA A 174 1.02 31.91 -2.57
CA ALA A 174 1.23 31.47 -1.20
C ALA A 174 1.24 32.68 -0.27
N GLN A 175 0.71 32.49 0.94
CA GLN A 175 0.67 33.55 1.94
C GLN A 175 2.04 33.83 2.52
N CYS A 176 2.30 35.08 2.85
CA CYS A 176 3.57 35.52 3.41
C CYS A 176 4.02 34.61 4.55
N THR A 177 3.07 34.19 5.38
CA THR A 177 3.37 33.35 6.52
C THR A 177 4.08 32.04 6.13
N ALA A 178 3.82 31.56 4.93
CA ALA A 178 4.40 30.32 4.42
C ALA A 178 5.89 30.40 4.04
N PHE A 179 6.36 31.58 3.65
CA PHE A 179 7.76 31.73 3.25
C PHE A 179 8.55 32.77 4.03
N ARG A 180 7.92 33.42 4.99
CA ARG A 180 8.56 34.44 5.81
C ARG A 180 9.97 34.06 6.29
N THR A 181 10.07 32.89 6.92
CA THR A 181 11.35 32.40 7.44
C THR A 181 12.43 32.28 6.36
N ARG A 182 12.05 31.81 5.18
CA ARG A 182 13.01 31.64 4.09
C ARG A 182 13.58 32.94 3.58
N ILE A 183 12.71 33.83 3.14
CA ILE A 183 13.13 35.12 2.60
C ILE A 183 13.91 35.96 3.59
N TYR A 184 13.78 35.65 4.87
CA TYR A 184 14.50 36.39 5.89
C TYR A 184 15.72 35.71 6.46
N ASN A 185 15.68 34.40 6.60
CA ASN A 185 16.80 33.67 7.19
C ASN A 185 17.48 32.57 6.37
N GLU A 186 17.24 32.54 5.07
CA GLU A 186 17.89 31.51 4.24
C GLU A 186 18.80 32.09 3.18
N SER A 187 19.91 31.39 2.95
CA SER A 187 20.92 31.82 1.98
C SER A 187 20.69 31.28 0.57
N ASN A 188 20.04 30.12 0.47
CA ASN A 188 19.78 29.51 -0.83
C ASN A 188 18.61 30.16 -1.55
N ILE A 189 18.76 31.45 -1.84
CA ILE A 189 17.74 32.21 -2.53
C ILE A 189 18.42 33.41 -3.19
N ASP A 190 17.88 33.85 -4.33
CA ASP A 190 18.45 34.99 -5.02
C ASP A 190 18.21 36.24 -4.16
N PRO A 191 19.28 36.94 -3.76
CA PRO A 191 19.19 38.14 -2.93
C PRO A 191 18.22 39.22 -3.43
N THR A 192 18.14 39.42 -4.73
CA THR A 192 17.23 40.43 -5.26
C THR A 192 15.78 39.93 -5.24
N TYR A 193 15.60 38.62 -5.35
CA TYR A 193 14.28 38.02 -5.31
C TYR A 193 13.78 38.09 -3.88
N ALA A 194 14.67 37.78 -2.94
CA ALA A 194 14.34 37.81 -1.52
C ALA A 194 13.98 39.22 -1.08
N LYS A 195 14.79 40.19 -1.51
CA LYS A 195 14.60 41.61 -1.17
C LYS A 195 13.24 42.14 -1.62
N SER A 196 12.86 41.82 -2.85
CA SER A 196 11.58 42.26 -3.38
C SER A 196 10.46 41.55 -2.62
N LEU A 197 10.71 40.29 -2.27
CA LEU A 197 9.74 39.48 -1.55
C LEU A 197 9.46 40.00 -0.14
N GLN A 198 10.51 40.46 0.54
CA GLN A 198 10.40 41.01 1.90
C GLN A 198 9.57 42.28 1.98
N ALA A 199 9.53 43.04 0.89
CA ALA A 199 8.77 44.29 0.84
C ALA A 199 7.27 44.10 1.09
N ASN A 200 6.76 42.91 0.81
CA ASN A 200 5.34 42.63 0.99
C ASN A 200 5.11 41.50 2.00
N CYS A 201 6.15 41.12 2.72
CA CYS A 201 6.05 40.05 3.70
C CYS A 201 6.96 40.41 4.86
N PRO A 202 6.43 41.14 5.85
CA PRO A 202 7.11 41.62 7.05
C PRO A 202 7.69 40.51 7.93
N SER A 203 8.62 40.90 8.81
CA SER A 203 9.24 39.97 9.73
C SER A 203 8.14 39.44 10.64
N VAL A 204 7.25 40.35 11.03
CA VAL A 204 6.13 40.05 11.91
C VAL A 204 4.91 40.77 11.35
N GLY A 205 3.83 40.02 11.12
CA GLY A 205 2.62 40.62 10.59
C GLY A 205 2.50 40.38 9.09
N GLY A 206 1.37 40.81 8.52
CA GLY A 206 1.13 40.65 7.10
C GLY A 206 1.15 39.22 6.60
N ASP A 207 0.80 38.30 7.49
CA ASP A 207 0.77 36.87 7.17
C ASP A 207 -0.06 36.56 5.92
N THR A 208 -1.16 37.30 5.77
CA THR A 208 -2.12 37.15 4.69
C THR A 208 -1.60 37.53 3.29
N ASN A 209 -0.63 38.44 3.24
CA ASN A 209 -0.07 38.92 1.98
C ASN A 209 0.36 37.79 1.05
N LEU A 210 -0.33 37.70 -0.09
CA LEU A 210 -0.06 36.67 -1.08
C LEU A 210 1.07 37.00 -2.04
N SER A 211 1.80 35.97 -2.44
CA SER A 211 2.90 36.12 -3.38
C SER A 211 2.85 34.95 -4.37
N PRO A 212 3.19 35.20 -5.64
CA PRO A 212 3.20 34.18 -6.69
C PRO A 212 4.23 33.10 -6.44
N PHE A 213 3.89 31.86 -6.81
CA PHE A 213 4.78 30.72 -6.64
C PHE A 213 5.86 30.70 -7.73
N ASP A 214 5.44 31.08 -8.93
CA ASP A 214 6.33 31.10 -10.06
C ASP A 214 6.36 32.50 -10.65
N VAL A 215 7.39 33.25 -10.29
CA VAL A 215 7.59 34.62 -10.75
C VAL A 215 7.71 34.75 -12.27
N THR A 216 8.14 33.70 -12.95
CA THR A 216 8.30 33.74 -14.41
C THR A 216 6.95 33.73 -15.12
N THR A 217 6.10 32.75 -14.78
CA THR A 217 4.77 32.63 -15.37
C THR A 217 3.78 32.22 -14.28
N PRO A 218 3.44 33.16 -13.39
CA PRO A 218 2.51 32.96 -12.28
C PRO A 218 1.15 32.32 -12.57
N ASN A 219 0.55 32.65 -13.71
CA ASN A 219 -0.77 32.10 -14.04
C ASN A 219 -0.79 31.15 -15.23
N LYS A 220 0.32 30.51 -15.50
CA LYS A 220 0.41 29.57 -16.61
C LYS A 220 1.07 28.28 -16.15
N PHE A 221 0.40 27.16 -16.39
CA PHE A 221 0.94 25.88 -15.99
C PHE A 221 2.04 25.46 -16.95
N ASP A 222 3.28 25.46 -16.47
CA ASP A 222 4.42 25.09 -17.32
C ASP A 222 5.62 24.67 -16.47
N ASN A 223 6.72 24.32 -17.12
CA ASN A 223 7.94 23.88 -16.42
C ASN A 223 8.79 25.03 -15.86
N ALA A 224 8.31 26.27 -16.00
CA ALA A 224 9.05 27.43 -15.49
C ALA A 224 9.44 27.33 -14.01
N TYR A 225 8.66 26.55 -13.27
CA TYR A 225 8.89 26.34 -11.85
C TYR A 225 10.32 25.87 -11.62
N TYR A 226 10.73 24.89 -12.41
CA TYR A 226 12.07 24.31 -12.31
C TYR A 226 13.15 25.28 -12.75
N ILE A 227 12.82 26.16 -13.69
CA ILE A 227 13.75 27.16 -14.18
C ILE A 227 14.03 28.06 -12.97
N ASN A 228 12.98 28.40 -12.23
CA ASN A 228 13.09 29.24 -11.03
C ASN A 228 14.08 28.65 -10.05
N LEU A 229 13.91 27.36 -9.77
CA LEU A 229 14.78 26.65 -8.83
C LEU A 229 16.26 26.74 -9.19
N ARG A 230 16.57 26.58 -10.47
CA ARG A 230 17.96 26.66 -10.93
C ARG A 230 18.56 28.02 -10.65
N ASN A 231 17.72 29.05 -10.67
CA ASN A 231 18.16 30.43 -10.41
C ASN A 231 17.96 30.76 -8.92
N LYS A 232 17.67 29.74 -8.11
CA LYS A 232 17.43 29.90 -6.69
C LYS A 232 16.29 30.88 -6.38
N LYS A 233 15.26 30.83 -7.21
CA LYS A 233 14.08 31.68 -7.07
C LYS A 233 12.84 30.90 -6.67
N GLY A 234 13.02 29.80 -5.94
CA GLY A 234 11.87 29.03 -5.49
C GLY A 234 11.22 29.81 -4.35
N LEU A 235 9.92 29.68 -4.18
CA LEU A 235 9.22 30.42 -3.14
C LEU A 235 9.36 29.82 -1.74
N LEU A 236 8.88 28.59 -1.59
CA LEU A 236 8.91 27.91 -0.30
C LEU A 236 10.25 27.24 -0.02
N HIS A 237 10.43 26.86 1.25
CA HIS A 237 11.63 26.17 1.69
C HIS A 237 11.62 24.79 1.03
N SER A 238 10.46 24.14 1.06
CA SER A 238 10.31 22.83 0.46
C SER A 238 10.58 22.86 -1.05
N ASP A 239 10.33 24.02 -1.67
CA ASP A 239 10.56 24.19 -3.10
C ASP A 239 12.06 24.12 -3.40
N GLN A 240 12.82 25.00 -2.78
CA GLN A 240 14.26 25.05 -3.01
C GLN A 240 15.00 23.79 -2.57
N GLN A 241 14.40 23.01 -1.66
CA GLN A 241 15.02 21.78 -1.19
C GLN A 241 15.29 20.83 -2.36
N LEU A 242 14.44 20.89 -3.39
CA LEU A 242 14.59 20.05 -4.58
C LEU A 242 15.87 20.31 -5.36
N PHE A 243 16.29 21.57 -5.44
CA PHE A 243 17.50 21.92 -6.17
C PHE A 243 18.42 22.58 -5.14
N ASN A 244 19.17 21.77 -4.41
CA ASN A 244 20.04 22.30 -3.36
C ASN A 244 21.28 21.43 -3.17
N GLY A 245 21.95 21.09 -4.28
CA GLY A 245 23.13 20.25 -4.20
C GLY A 245 22.80 18.86 -3.71
N VAL A 246 21.69 18.33 -4.21
CA VAL A 246 21.21 17.00 -3.83
C VAL A 246 20.80 16.19 -5.06
N SER A 247 20.43 14.94 -4.84
CA SER A 247 20.04 14.03 -5.92
C SER A 247 18.97 14.58 -6.86
N THR A 248 17.96 15.24 -6.30
CA THR A 248 16.86 15.81 -7.08
C THR A 248 17.24 16.92 -8.07
N ASP A 249 18.42 17.51 -7.87
CA ASP A 249 18.89 18.59 -8.75
C ASP A 249 18.80 18.22 -10.22
N SER A 250 19.38 17.07 -10.57
CA SER A 250 19.40 16.59 -11.95
C SER A 250 18.00 16.50 -12.55
N GLN A 251 17.03 16.11 -11.73
CA GLN A 251 15.65 15.98 -12.17
C GLN A 251 15.05 17.35 -12.46
N VAL A 252 15.38 18.32 -11.63
CA VAL A 252 14.89 19.68 -11.82
C VAL A 252 15.38 20.16 -13.18
N THR A 253 16.66 19.94 -13.44
CA THR A 253 17.28 20.36 -14.71
C THR A 253 16.57 19.71 -15.90
N ALA A 254 16.31 18.41 -15.80
CA ALA A 254 15.65 17.68 -16.87
C ALA A 254 14.34 18.36 -17.25
N TYR A 255 13.55 18.70 -16.24
CA TYR A 255 12.27 19.34 -16.46
C TYR A 255 12.38 20.76 -16.97
N SER A 256 13.32 21.53 -16.44
CA SER A 256 13.48 22.92 -16.86
C SER A 256 13.83 22.96 -18.34
N ASN A 257 14.57 21.96 -18.79
CA ASN A 257 14.98 21.84 -20.18
C ASN A 257 13.94 21.20 -21.08
N ASN A 258 12.94 20.55 -20.50
CA ASN A 258 11.92 19.90 -21.32
C ASN A 258 10.51 19.95 -20.72
N ALA A 259 9.67 20.79 -21.31
CA ALA A 259 8.30 20.97 -20.86
C ALA A 259 7.40 19.74 -21.10
N ALA A 260 7.58 19.10 -22.24
CA ALA A 260 6.78 17.92 -22.59
C ALA A 260 6.90 16.79 -21.58
N THR A 261 8.12 16.40 -21.22
CA THR A 261 8.30 15.33 -20.26
C THR A 261 7.71 15.73 -18.92
N PHE A 262 7.76 17.02 -18.59
CA PHE A 262 7.19 17.50 -17.34
C PHE A 262 5.68 17.31 -17.39
N ASN A 263 5.06 17.73 -18.48
CA ASN A 263 3.62 17.61 -18.65
C ASN A 263 3.18 16.16 -18.66
N THR A 264 3.98 15.31 -19.30
CA THR A 264 3.67 13.89 -19.38
C THR A 264 3.80 13.26 -17.99
N ASP A 265 4.94 13.49 -17.35
CA ASP A 265 5.18 12.95 -16.02
C ASP A 265 4.17 13.47 -15.01
N PHE A 266 3.77 14.74 -15.17
CA PHE A 266 2.79 15.33 -14.27
C PHE A 266 1.42 14.67 -14.42
N GLY A 267 0.99 14.47 -15.66
CA GLY A 267 -0.30 13.85 -15.89
C GLY A 267 -0.39 12.47 -15.27
N ASN A 268 0.64 11.65 -15.49
CA ASN A 268 0.68 10.31 -14.92
C ASN A 268 0.65 10.35 -13.41
N ALA A 269 1.57 11.11 -12.82
CA ALA A 269 1.66 11.24 -11.37
C ALA A 269 0.32 11.70 -10.78
N MET A 270 -0.39 12.56 -11.49
CA MET A 270 -1.68 13.03 -11.02
C MET A 270 -2.71 11.92 -11.05
N ILE A 271 -2.59 11.04 -12.04
CA ILE A 271 -3.49 9.90 -12.15
C ILE A 271 -3.21 8.97 -10.99
N LYS A 272 -1.92 8.79 -10.68
CA LYS A 272 -1.49 7.94 -9.59
C LYS A 272 -2.05 8.47 -8.28
N MET A 273 -1.99 9.79 -8.11
CA MET A 273 -2.51 10.42 -6.89
C MET A 273 -4.01 10.23 -6.82
N GLY A 274 -4.65 10.27 -7.99
CA GLY A 274 -6.09 10.09 -8.03
C GLY A 274 -6.53 8.67 -7.74
N ASN A 275 -5.58 7.78 -7.48
CA ASN A 275 -5.88 6.39 -7.18
C ASN A 275 -5.66 6.07 -5.70
N LEU A 276 -5.27 7.07 -4.91
CA LEU A 276 -5.04 6.85 -3.49
C LEU A 276 -6.33 6.44 -2.77
N SER A 277 -6.32 5.24 -2.22
CA SER A 277 -7.43 4.65 -1.47
C SER A 277 -8.84 5.15 -1.83
N PRO A 278 -9.31 4.84 -3.04
CA PRO A 278 -10.65 5.29 -3.42
C PRO A 278 -11.74 4.35 -2.90
N LEU A 279 -12.85 4.90 -2.44
CA LEU A 279 -13.97 4.08 -1.98
C LEU A 279 -14.66 3.74 -3.29
N THR A 280 -15.04 2.49 -3.49
CA THR A 280 -15.68 2.12 -4.74
C THR A 280 -16.86 1.17 -4.54
N GLY A 281 -17.53 0.82 -5.63
CA GLY A 281 -18.66 -0.09 -5.57
C GLY A 281 -19.82 0.44 -4.75
N THR A 282 -19.97 -0.09 -3.54
CA THR A 282 -21.05 0.30 -2.65
C THR A 282 -20.54 1.01 -1.41
N SER A 283 -19.22 1.12 -1.29
CA SER A 283 -18.59 1.78 -0.15
C SER A 283 -18.84 3.29 -0.28
N GLY A 284 -19.04 3.94 0.86
CA GLY A 284 -19.30 5.37 0.84
C GLY A 284 -20.64 5.68 0.21
N GLN A 285 -20.85 6.93 -0.16
CA GLN A 285 -22.12 7.35 -0.75
C GLN A 285 -21.90 8.42 -1.82
N ILE A 286 -22.99 8.80 -2.47
CA ILE A 286 -22.93 9.85 -3.49
C ILE A 286 -23.59 11.05 -2.82
N ARG A 287 -22.79 11.93 -2.23
CA ARG A 287 -23.32 13.10 -1.56
C ARG A 287 -24.09 13.99 -2.51
N THR A 288 -25.17 14.57 -2.01
CA THR A 288 -25.98 15.48 -2.80
C THR A 288 -25.43 16.88 -2.52
N ASN A 289 -24.78 17.02 -1.37
CA ASN A 289 -24.16 18.28 -0.96
C ASN A 289 -22.78 17.87 -0.44
N CYS A 290 -21.73 18.30 -1.14
CA CYS A 290 -20.36 17.96 -0.77
C CYS A 290 -19.95 18.43 0.62
N ARG A 291 -20.70 19.36 1.19
CA ARG A 291 -20.40 19.91 2.50
C ARG A 291 -20.89 19.02 3.64
N LYS A 292 -21.79 18.09 3.36
CA LYS A 292 -22.30 17.22 4.42
C LYS A 292 -22.58 15.80 3.97
N THR A 293 -22.78 14.93 4.95
CA THR A 293 -23.09 13.53 4.73
C THR A 293 -24.59 13.44 4.48
N ASN A 294 -24.99 12.54 3.58
CA ASN A 294 -26.40 12.33 3.25
C ASN A 294 -27.14 11.70 4.43
N PCA B 1 21.04 -23.53 -7.73
CA PCA B 1 21.36 -24.84 -8.27
CB PCA B 1 22.38 -25.36 -7.25
CG PCA B 1 23.02 -24.11 -6.74
CD PCA B 1 21.90 -23.09 -6.84
OE PCA B 1 21.64 -22.24 -5.98
C PCA B 1 20.11 -25.71 -8.29
O PCA B 1 20.15 -26.86 -8.73
N LEU B 2 19.00 -25.14 -7.83
CA LEU B 2 17.73 -25.84 -7.78
C LEU B 2 17.07 -25.91 -9.16
N SER B 3 16.51 -27.07 -9.48
CA SER B 3 15.83 -27.29 -10.75
C SER B 3 14.55 -28.07 -10.52
N SER B 4 13.52 -27.78 -11.32
CA SER B 4 12.23 -28.46 -11.19
C SER B 4 12.26 -29.94 -11.62
N ASN B 5 13.21 -30.28 -12.47
CA ASN B 5 13.36 -31.65 -12.98
C ASN B 5 14.48 -32.41 -12.25
N PHE B 6 14.83 -31.92 -11.06
CA PHE B 6 15.90 -32.54 -10.27
C PHE B 6 15.65 -34.01 -9.99
N TYR B 7 14.42 -34.37 -9.67
CA TYR B 7 14.11 -35.76 -9.37
C TYR B 7 13.64 -36.59 -10.55
N ALA B 8 13.76 -36.04 -11.76
CA ALA B 8 13.33 -36.73 -12.98
C ALA B 8 13.89 -38.15 -13.15
N THR B 9 15.19 -38.31 -12.92
CA THR B 9 15.81 -39.64 -13.06
C THR B 9 15.95 -40.38 -11.74
N LYS B 10 16.29 -39.64 -10.69
CA LYS B 10 16.49 -40.18 -9.36
C LYS B 10 15.21 -40.81 -8.79
N CYS B 11 14.08 -40.14 -8.97
CA CYS B 11 12.81 -40.63 -8.46
C CYS B 11 11.66 -40.01 -9.24
N PRO B 12 11.36 -40.56 -10.42
CA PRO B 12 10.29 -40.11 -11.29
C PRO B 12 8.91 -39.88 -10.66
N ASN B 13 8.48 -40.80 -9.80
CA ASN B 13 7.16 -40.67 -9.19
C ASN B 13 7.06 -39.88 -7.89
N ALA B 14 8.18 -39.34 -7.42
CA ALA B 14 8.21 -38.58 -6.18
C ALA B 14 7.14 -37.49 -6.12
N LEU B 15 7.09 -36.65 -7.15
CA LEU B 15 6.13 -35.56 -7.21
C LEU B 15 4.67 -36.02 -7.18
N SER B 16 4.37 -37.04 -7.95
CA SER B 16 3.02 -37.60 -8.02
C SER B 16 2.61 -38.12 -6.64
N THR B 17 3.56 -38.80 -6.00
CA THR B 17 3.34 -39.36 -4.67
C THR B 17 3.01 -38.25 -3.68
N ILE B 18 3.80 -37.19 -3.71
CA ILE B 18 3.61 -36.06 -2.80
C ILE B 18 2.25 -35.38 -3.05
N LYS B 19 1.93 -35.13 -4.31
CA LYS B 19 0.65 -34.49 -4.65
C LYS B 19 -0.53 -35.28 -4.10
N SER B 20 -0.49 -36.60 -4.26
CA SER B 20 -1.56 -37.47 -3.79
C SER B 20 -1.76 -37.46 -2.27
N ALA B 21 -0.67 -37.46 -1.52
CA ALA B 21 -0.74 -37.44 -0.06
C ALA B 21 -1.33 -36.12 0.40
N VAL B 22 -0.87 -35.04 -0.23
CA VAL B 22 -1.35 -33.70 0.11
C VAL B 22 -2.83 -33.59 -0.23
N ASN B 23 -3.18 -33.91 -1.47
CA ASN B 23 -4.56 -33.84 -1.93
C ASN B 23 -5.58 -34.47 -0.99
N SER B 24 -5.30 -35.67 -0.51
CA SER B 24 -6.22 -36.34 0.40
C SER B 24 -6.17 -35.75 1.81
N ALA B 25 -4.97 -35.35 2.25
CA ALA B 25 -4.80 -34.76 3.58
C ALA B 25 -5.54 -33.42 3.70
N VAL B 26 -5.51 -32.63 2.62
CA VAL B 26 -6.19 -31.34 2.62
C VAL B 26 -7.68 -31.52 2.31
N ALA B 27 -8.06 -32.66 1.73
CA ALA B 27 -9.45 -32.94 1.43
C ALA B 27 -10.17 -33.29 2.72
N LYS B 28 -9.47 -34.01 3.61
CA LYS B 28 -10.03 -34.41 4.90
C LYS B 28 -10.08 -33.19 5.81
N GLU B 29 -9.15 -32.27 5.61
CA GLU B 29 -9.08 -31.05 6.40
C GLU B 29 -8.51 -29.91 5.56
N ALA B 30 -9.40 -29.08 5.01
CA ALA B 30 -9.01 -27.93 4.19
C ALA B 30 -7.90 -27.10 4.83
N ARG B 31 -8.01 -26.94 6.15
CA ARG B 31 -7.04 -26.16 6.92
C ARG B 31 -5.62 -26.70 6.77
N MET B 32 -5.49 -28.02 6.61
CA MET B 32 -4.18 -28.64 6.49
C MET B 32 -3.35 -28.00 5.38
N GLY B 33 -4.00 -27.68 4.26
CA GLY B 33 -3.31 -27.05 3.15
C GLY B 33 -2.68 -25.72 3.55
N ALA B 34 -3.32 -25.03 4.48
CA ALA B 34 -2.83 -23.75 4.97
C ALA B 34 -1.67 -24.01 5.93
N SER B 35 -1.84 -24.99 6.82
CA SER B 35 -0.80 -25.34 7.78
C SER B 35 0.51 -25.64 7.06
N LEU B 36 0.42 -26.51 6.05
CA LEU B 36 1.58 -26.90 5.25
C LEU B 36 2.29 -25.73 4.57
N LEU B 37 1.51 -24.84 3.95
CA LEU B 37 2.07 -23.67 3.29
C LEU B 37 2.85 -22.86 4.31
N ARG B 38 2.21 -22.58 5.45
CA ARG B 38 2.84 -21.81 6.52
C ARG B 38 4.08 -22.52 7.04
N LEU B 39 4.01 -23.84 7.15
CA LEU B 39 5.12 -24.66 7.63
C LEU B 39 6.35 -24.38 6.76
N HIS B 40 6.13 -24.30 5.46
CA HIS B 40 7.22 -24.02 4.51
C HIS B 40 7.79 -22.63 4.77
N PHE B 41 6.92 -21.66 5.03
CA PHE B 41 7.32 -20.28 5.32
C PHE B 41 8.23 -20.25 6.56
N HIS B 42 7.79 -20.92 7.61
CA HIS B 42 8.56 -20.98 8.85
C HIS B 42 9.89 -21.72 8.67
N ASP B 43 9.96 -22.53 7.63
CA ASP B 43 11.18 -23.27 7.32
C ASP B 43 12.16 -22.33 6.64
N CYS B 44 11.71 -21.71 5.55
CA CYS B 44 12.54 -20.81 4.76
C CYS B 44 13.04 -19.54 5.44
N PHE B 45 12.24 -18.94 6.31
CA PHE B 45 12.65 -17.71 6.99
C PHE B 45 13.67 -17.87 8.13
N VAL B 46 13.94 -19.11 8.53
CA VAL B 46 14.90 -19.37 9.60
C VAL B 46 16.04 -20.22 9.04
N GLN B 47 17.20 -19.59 8.80
CA GLN B 47 18.38 -20.23 8.24
C GLN B 47 18.11 -21.12 7.01
N GLY B 48 17.42 -20.52 6.03
CA GLY B 48 17.10 -21.21 4.79
C GLY B 48 16.08 -22.34 4.82
N CYS B 49 15.65 -22.75 3.62
CA CYS B 49 14.71 -23.84 3.46
C CYS B 49 15.55 -25.11 3.53
N ASP B 50 15.75 -25.61 4.76
CA ASP B 50 16.56 -26.79 4.99
C ASP B 50 15.89 -27.80 5.93
N ALA B 51 14.58 -27.68 6.06
CA ALA B 51 13.79 -28.57 6.92
C ALA B 51 14.23 -28.55 8.38
N SER B 52 14.88 -27.49 8.79
CA SER B 52 15.35 -27.37 10.17
C SER B 52 14.17 -27.35 11.17
N VAL B 53 13.03 -26.87 10.70
CA VAL B 53 11.83 -26.77 11.54
C VAL B 53 11.18 -28.13 11.81
N LEU B 54 11.70 -29.19 11.21
CA LEU B 54 11.15 -30.52 11.40
C LEU B 54 11.86 -31.38 12.46
N LEU B 55 13.03 -30.93 12.89
CA LEU B 55 13.83 -31.65 13.88
C LEU B 55 13.24 -31.57 15.27
N ASP B 56 13.07 -32.71 15.91
CA ASP B 56 12.53 -32.80 17.26
C ASP B 56 13.64 -32.47 18.24
N ASP B 57 13.26 -32.07 19.45
CA ASP B 57 14.24 -31.75 20.47
C ASP B 57 14.74 -33.07 21.06
N THR B 58 15.98 -33.07 21.54
CA THR B 58 16.58 -34.28 22.11
C THR B 58 17.43 -33.94 23.34
N SER B 59 17.98 -34.97 23.97
CA SER B 59 18.83 -34.84 25.17
C SER B 59 19.99 -33.86 25.04
N ASN B 60 20.36 -33.51 23.82
CA ASN B 60 21.45 -32.57 23.59
C ASN B 60 21.19 -31.65 22.41
N PHE B 61 19.92 -31.38 22.17
CA PHE B 61 19.52 -30.54 21.06
C PHE B 61 18.15 -29.92 21.28
N THR B 62 18.02 -28.66 20.89
CA THR B 62 16.76 -27.93 21.00
C THR B 62 16.48 -27.31 19.64
N GLY B 63 15.40 -27.76 19.01
CA GLY B 63 15.04 -27.25 17.71
C GLY B 63 14.27 -25.95 17.71
N GLU B 64 13.49 -25.74 16.66
CA GLU B 64 12.70 -24.53 16.50
C GLU B 64 11.26 -24.66 16.97
N LYS B 65 10.80 -25.88 17.21
CA LYS B 65 9.42 -26.12 17.62
C LYS B 65 8.90 -25.34 18.84
N THR B 66 9.75 -25.08 19.82
CA THR B 66 9.35 -24.35 21.02
C THR B 66 9.50 -22.82 20.87
N ALA B 67 9.96 -22.38 19.71
CA ALA B 67 10.13 -20.95 19.44
C ALA B 67 8.78 -20.29 19.58
N GLY B 68 8.78 -19.05 20.05
CA GLY B 68 7.54 -18.31 20.26
C GLY B 68 6.53 -18.39 19.12
N PRO B 69 6.94 -18.08 17.88
CA PRO B 69 6.01 -18.13 16.75
C PRO B 69 5.65 -19.55 16.29
N ASN B 70 6.34 -20.55 16.83
CA ASN B 70 6.12 -21.94 16.48
C ASN B 70 5.27 -22.70 17.50
N ALA B 71 5.66 -22.62 18.76
CA ALA B 71 4.97 -23.31 19.84
C ALA B 71 3.45 -23.20 19.77
N ASN B 72 2.78 -24.33 19.62
CA ASN B 72 1.32 -24.40 19.54
C ASN B 72 0.67 -23.70 18.34
N SER B 73 1.49 -23.28 17.38
CA SER B 73 0.98 -22.61 16.18
C SER B 73 1.09 -23.47 14.93
N ILE B 74 2.33 -23.81 14.57
CA ILE B 74 2.59 -24.62 13.38
C ILE B 74 2.14 -26.06 13.55
N ARG B 75 1.60 -26.62 12.49
CA ARG B 75 1.11 -28.00 12.50
C ARG B 75 1.48 -28.63 11.17
N GLY B 76 1.05 -29.87 10.95
CA GLY B 76 1.35 -30.55 9.70
C GLY B 76 2.40 -31.64 9.78
N PHE B 77 3.19 -31.65 10.87
CA PHE B 77 4.26 -32.63 11.07
C PHE B 77 3.86 -34.06 10.72
N GLU B 78 2.67 -34.46 11.14
CA GLU B 78 2.18 -35.81 10.88
C GLU B 78 2.06 -36.07 9.38
N VAL B 79 1.45 -35.13 8.67
CA VAL B 79 1.27 -35.25 7.24
C VAL B 79 2.62 -35.40 6.56
N ILE B 80 3.60 -34.65 7.02
CA ILE B 80 4.94 -34.71 6.45
C ILE B 80 5.56 -36.09 6.70
N ASP B 81 5.29 -36.66 7.86
CA ASP B 81 5.80 -37.98 8.22
C ASP B 81 5.36 -39.05 7.23
N THR B 82 4.06 -39.09 6.94
CA THR B 82 3.55 -40.07 6.01
C THR B 82 4.02 -39.83 4.58
N ILE B 83 4.15 -38.56 4.19
CA ILE B 83 4.63 -38.21 2.85
C ILE B 83 6.05 -38.76 2.72
N LYS B 84 6.85 -38.51 3.74
CA LYS B 84 8.23 -38.98 3.78
C LYS B 84 8.29 -40.52 3.67
N SER B 85 7.54 -41.22 4.54
CA SER B 85 7.51 -42.68 4.54
C SER B 85 7.15 -43.28 3.19
N GLN B 86 6.15 -42.70 2.52
CA GLN B 86 5.72 -43.18 1.21
C GLN B 86 6.83 -43.03 0.18
N VAL B 87 7.43 -41.85 0.15
CA VAL B 87 8.49 -41.57 -0.80
C VAL B 87 9.73 -42.41 -0.49
N GLU B 88 9.92 -42.74 0.79
CA GLU B 88 11.06 -43.54 1.19
C GLU B 88 10.96 -44.97 0.68
N SER B 89 9.74 -45.51 0.60
CA SER B 89 9.58 -46.86 0.08
C SER B 89 9.68 -46.83 -1.44
N LEU B 90 9.33 -45.68 -2.01
CA LEU B 90 9.37 -45.47 -3.45
C LEU B 90 10.83 -45.42 -3.91
N CYS B 91 11.59 -44.52 -3.30
CA CYS B 91 13.00 -44.36 -3.64
C CYS B 91 13.72 -43.91 -2.36
N PRO B 92 14.26 -44.88 -1.62
CA PRO B 92 14.98 -44.61 -0.38
C PRO B 92 16.10 -43.56 -0.50
N GLY B 93 16.16 -42.66 0.48
CA GLY B 93 17.19 -41.63 0.52
C GLY B 93 17.40 -40.75 -0.70
N VAL B 94 16.34 -40.42 -1.41
CA VAL B 94 16.46 -39.56 -2.58
C VAL B 94 15.83 -38.20 -2.32
N VAL B 95 14.54 -38.19 -1.97
CA VAL B 95 13.82 -36.95 -1.71
C VAL B 95 14.04 -36.42 -0.31
N SER B 96 14.55 -35.20 -0.22
CA SER B 96 14.83 -34.57 1.06
C SER B 96 13.58 -33.95 1.68
N CYS B 97 13.59 -33.78 3.00
CA CYS B 97 12.46 -33.18 3.70
C CYS B 97 12.23 -31.74 3.25
N ALA B 98 13.32 -31.03 2.96
CA ALA B 98 13.25 -29.65 2.53
C ALA B 98 12.48 -29.49 1.23
N ASP B 99 12.70 -30.41 0.29
CA ASP B 99 12.00 -30.37 -0.98
C ASP B 99 10.54 -30.72 -0.78
N ILE B 100 10.30 -31.74 0.05
CA ILE B 100 8.94 -32.18 0.35
C ILE B 100 8.12 -31.00 0.87
N LEU B 101 8.69 -30.28 1.82
CA LEU B 101 8.04 -29.13 2.41
C LEU B 101 7.71 -28.06 1.35
N ALA B 102 8.59 -27.93 0.35
CA ALA B 102 8.41 -26.96 -0.72
C ALA B 102 7.32 -27.36 -1.71
N VAL B 103 7.21 -28.66 -1.96
CA VAL B 103 6.22 -29.20 -2.89
C VAL B 103 4.85 -29.20 -2.23
N ALA B 104 4.80 -29.68 -0.99
CA ALA B 104 3.56 -29.75 -0.21
C ALA B 104 2.91 -28.39 -0.16
N ALA B 105 3.72 -27.35 0.09
CA ALA B 105 3.22 -25.98 0.14
C ALA B 105 2.53 -25.63 -1.18
N ARG B 106 3.15 -26.04 -2.29
CA ARG B 106 2.62 -25.76 -3.61
C ARG B 106 1.33 -26.54 -3.88
N ASP B 107 1.38 -27.86 -3.67
CA ASP B 107 0.22 -28.70 -3.90
C ASP B 107 -0.98 -28.28 -3.05
N SER B 108 -0.70 -27.77 -1.85
CA SER B 108 -1.75 -27.32 -0.94
C SER B 108 -2.49 -26.09 -1.49
N VAL B 109 -1.73 -25.15 -2.01
CA VAL B 109 -2.29 -23.93 -2.59
C VAL B 109 -3.18 -24.33 -3.77
N VAL B 110 -2.69 -25.25 -4.58
CA VAL B 110 -3.43 -25.73 -5.75
C VAL B 110 -4.71 -26.46 -5.35
N ALA B 111 -4.62 -27.28 -4.31
CA ALA B 111 -5.78 -28.04 -3.83
C ALA B 111 -6.85 -27.09 -3.34
N LEU B 112 -6.44 -25.93 -2.86
CA LEU B 112 -7.37 -24.92 -2.36
C LEU B 112 -7.80 -23.90 -3.42
N GLY B 113 -7.56 -24.22 -4.69
CA GLY B 113 -7.97 -23.32 -5.75
C GLY B 113 -6.94 -22.36 -6.32
N GLY B 114 -5.77 -22.29 -5.70
CA GLY B 114 -4.75 -21.38 -6.18
C GLY B 114 -4.06 -21.83 -7.47
N ALA B 115 -3.29 -20.92 -8.06
CA ALA B 115 -2.55 -21.21 -9.28
C ALA B 115 -1.18 -21.81 -8.92
N SER B 116 -0.83 -22.92 -9.56
CA SER B 116 0.44 -23.58 -9.28
C SER B 116 1.61 -22.89 -9.97
N TRP B 117 2.81 -23.19 -9.47
CA TRP B 117 4.03 -22.63 -9.99
C TRP B 117 5.06 -23.75 -9.99
N ASN B 118 6.08 -23.64 -10.82
CA ASN B 118 7.11 -24.68 -10.88
C ASN B 118 8.02 -24.61 -9.66
N VAL B 119 7.97 -25.65 -8.83
CA VAL B 119 8.81 -25.72 -7.64
C VAL B 119 10.20 -26.18 -8.01
N LEU B 120 11.20 -25.47 -7.50
CA LEU B 120 12.60 -25.82 -7.76
C LEU B 120 13.00 -26.84 -6.71
N LEU B 121 13.69 -27.88 -7.14
CA LEU B 121 14.11 -28.95 -6.25
C LEU B 121 15.62 -29.10 -6.23
N GLY B 122 16.12 -29.79 -5.22
CA GLY B 122 17.56 -29.99 -5.10
C GLY B 122 18.12 -29.57 -3.76
N ARG B 123 17.23 -29.18 -2.85
CA ARG B 123 17.62 -28.75 -1.52
C ARG B 123 18.05 -29.95 -0.69
N ARG B 124 18.95 -29.72 0.25
CA ARG B 124 19.43 -30.78 1.12
C ARG B 124 18.90 -30.44 2.52
N ASP B 125 18.93 -31.41 3.42
CA ASP B 125 18.46 -31.20 4.79
C ASP B 125 19.59 -30.82 5.72
N SER B 126 19.26 -30.06 6.76
CA SER B 126 20.26 -29.62 7.72
C SER B 126 20.44 -30.57 8.88
N THR B 127 21.51 -30.32 9.65
CA THR B 127 21.85 -31.09 10.83
C THR B 127 21.70 -30.16 12.05
N THR B 128 21.26 -28.93 11.77
CA THR B 128 21.12 -27.91 12.80
C THR B 128 19.74 -27.23 12.80
N ALA B 129 19.51 -26.42 13.82
CA ALA B 129 18.27 -25.67 13.98
C ALA B 129 18.57 -24.43 14.82
N SER B 130 17.85 -23.34 14.58
CA SER B 130 18.08 -22.13 15.35
C SER B 130 16.83 -21.59 16.04
N LEU B 131 16.72 -21.90 17.32
CA LEU B 131 15.59 -21.45 18.15
C LEU B 131 15.62 -19.93 18.15
N SER B 132 16.78 -19.37 18.43
CA SER B 132 16.97 -17.92 18.47
C SER B 132 16.49 -17.24 17.20
N SER B 133 16.93 -17.74 16.04
CA SER B 133 16.53 -17.17 14.76
C SER B 133 15.02 -17.30 14.56
N ALA B 134 14.45 -18.43 14.98
CA ALA B 134 13.01 -18.65 14.86
C ALA B 134 12.28 -17.53 15.59
N ASN B 135 12.83 -17.13 16.74
CA ASN B 135 12.25 -16.07 17.56
C ASN B 135 12.40 -14.67 16.96
N SER B 136 13.58 -14.38 16.43
CA SER B 136 13.88 -13.07 15.88
C SER B 136 13.51 -12.81 14.42
N ASP B 137 13.80 -13.76 13.54
CA ASP B 137 13.52 -13.60 12.12
C ASP B 137 12.05 -13.62 11.71
N LEU B 138 11.25 -14.45 12.36
CA LEU B 138 9.82 -14.54 12.04
C LEU B 138 9.04 -13.34 12.58
N PRO B 139 8.14 -12.76 11.76
CA PRO B 139 7.32 -11.61 12.12
C PRO B 139 6.21 -11.93 13.11
N ALA B 140 5.85 -10.93 13.92
CA ALA B 140 4.80 -11.07 14.90
C ALA B 140 3.58 -10.30 14.38
N PRO B 141 2.37 -10.78 14.67
CA PRO B 141 1.12 -10.14 14.22
C PRO B 141 0.86 -8.72 14.72
N PHE B 142 1.59 -8.29 15.74
CA PHE B 142 1.39 -6.93 16.28
C PHE B 142 2.30 -5.88 15.65
N PHE B 143 3.22 -6.33 14.79
CA PHE B 143 4.15 -5.43 14.10
C PHE B 143 3.42 -4.37 13.30
N ASN B 144 4.07 -3.24 13.09
CA ASN B 144 3.51 -2.16 12.29
C ASN B 144 4.11 -2.29 10.89
N LEU B 145 3.47 -1.66 9.90
CA LEU B 145 3.92 -1.73 8.51
C LEU B 145 5.44 -1.62 8.32
N SER B 146 6.06 -0.68 9.03
CA SER B 146 7.51 -0.48 8.95
C SER B 146 8.27 -1.73 9.41
N GLY B 147 7.80 -2.32 10.52
CA GLY B 147 8.45 -3.49 11.07
C GLY B 147 8.35 -4.68 10.15
N LEU B 148 7.19 -4.85 9.51
CA LEU B 148 6.97 -5.95 8.59
C LEU B 148 7.91 -5.78 7.40
N ILE B 149 8.02 -4.55 6.92
CA ILE B 149 8.89 -4.23 5.80
C ILE B 149 10.34 -4.61 6.12
N SER B 150 10.77 -4.29 7.33
CA SER B 150 12.13 -4.60 7.78
C SER B 150 12.34 -6.10 7.76
N ALA B 151 11.42 -6.83 8.39
CA ALA B 151 11.48 -8.29 8.49
C ALA B 151 11.66 -8.96 7.14
N PHE B 152 10.86 -8.56 6.16
CA PHE B 152 10.97 -9.14 4.82
C PHE B 152 12.19 -8.62 4.07
N SER B 153 12.57 -7.38 4.36
CA SER B 153 13.74 -6.80 3.70
C SER B 153 14.99 -7.60 4.07
N ASN B 154 15.06 -8.09 5.30
CA ASN B 154 16.22 -8.86 5.77
C ASN B 154 16.45 -10.14 4.97
N LYS B 155 15.38 -10.67 4.39
CA LYS B 155 15.44 -11.87 3.59
C LYS B 155 15.53 -11.56 2.09
N GLY B 156 15.62 -10.27 1.78
CA GLY B 156 15.72 -9.84 0.40
C GLY B 156 14.39 -9.58 -0.30
N PHE B 157 13.33 -9.37 0.47
CA PHE B 157 12.02 -9.11 -0.10
C PHE B 157 11.70 -7.63 -0.13
N THR B 158 10.94 -7.24 -1.14
CA THR B 158 10.54 -5.86 -1.29
C THR B 158 9.14 -5.66 -0.71
N THR B 159 8.79 -4.40 -0.45
CA THR B 159 7.49 -4.04 0.11
C THR B 159 6.32 -4.65 -0.68
N LYS B 160 6.40 -4.59 -2.00
CA LYS B 160 5.37 -5.16 -2.87
C LYS B 160 5.22 -6.66 -2.59
N GLU B 161 6.35 -7.36 -2.57
CA GLU B 161 6.35 -8.80 -2.33
C GLU B 161 5.81 -9.12 -0.95
N LEU B 162 6.05 -8.24 0.02
CA LEU B 162 5.53 -8.41 1.37
C LEU B 162 4.00 -8.42 1.28
N VAL B 163 3.45 -7.49 0.49
CA VAL B 163 2.01 -7.41 0.29
C VAL B 163 1.56 -8.69 -0.38
N THR B 164 2.33 -9.11 -1.39
CA THR B 164 2.04 -10.32 -2.16
C THR B 164 1.99 -11.57 -1.29
N LEU B 165 2.95 -11.70 -0.39
CA LEU B 165 3.04 -12.84 0.51
C LEU B 165 2.03 -12.84 1.65
N SER B 166 1.66 -11.65 2.14
CA SER B 166 0.67 -11.56 3.20
C SER B 166 -0.65 -12.14 2.68
N GLY B 167 -0.76 -12.20 1.35
CA GLY B 167 -1.95 -12.75 0.72
C GLY B 167 -2.18 -14.19 1.11
N ALA B 168 -1.13 -14.86 1.57
CA ALA B 168 -1.20 -16.25 1.99
C ALA B 168 -2.31 -16.43 3.06
N HIS B 169 -2.65 -15.34 3.74
CA HIS B 169 -3.69 -15.37 4.75
C HIS B 169 -5.08 -15.38 4.14
N THR B 170 -5.17 -15.83 2.89
CA THR B 170 -6.45 -15.92 2.21
C THR B 170 -7.09 -17.23 2.61
N ILE B 171 -6.31 -18.09 3.27
CA ILE B 171 -6.76 -19.39 3.73
C ILE B 171 -6.20 -19.60 5.14
N GLY B 172 -6.69 -20.62 5.83
CA GLY B 172 -6.20 -20.90 7.17
C GLY B 172 -6.96 -20.24 8.30
N GLN B 173 -6.49 -20.45 9.52
CA GLN B 173 -7.14 -19.88 10.71
C GLN B 173 -6.12 -19.43 11.76
N ALA B 174 -6.51 -18.46 12.59
CA ALA B 174 -5.65 -17.93 13.64
C ALA B 174 -6.34 -18.07 14.99
N GLN B 175 -5.55 -18.30 16.03
CA GLN B 175 -6.10 -18.42 17.38
C GLN B 175 -6.51 -17.04 17.89
N CYS B 176 -7.51 -17.02 18.78
CA CYS B 176 -8.01 -15.78 19.36
C CYS B 176 -6.90 -14.94 19.96
N THR B 177 -5.99 -15.61 20.67
CA THR B 177 -4.87 -14.93 21.31
C THR B 177 -4.01 -14.08 20.36
N ALA B 178 -4.11 -14.36 19.06
CA ALA B 178 -3.31 -13.63 18.07
C ALA B 178 -3.94 -12.32 17.58
N PHE B 179 -5.24 -12.18 17.75
CA PHE B 179 -5.92 -10.97 17.30
C PHE B 179 -6.76 -10.28 18.37
N ARG B 180 -6.85 -10.90 19.55
CA ARG B 180 -7.63 -10.35 20.65
C ARG B 180 -7.46 -8.84 20.85
N THR B 181 -6.21 -8.40 20.98
CA THR B 181 -5.93 -6.98 21.19
C THR B 181 -6.49 -6.09 20.08
N ARG B 182 -6.56 -6.61 18.86
CA ARG B 182 -7.08 -5.85 17.73
C ARG B 182 -8.57 -5.58 17.84
N ILE B 183 -9.34 -6.65 17.94
CA ILE B 183 -10.80 -6.55 18.03
C ILE B 183 -11.32 -5.81 19.27
N TYR B 184 -10.42 -5.50 20.21
CA TYR B 184 -10.80 -4.81 21.43
C TYR B 184 -10.21 -3.41 21.58
N ASN B 185 -8.90 -3.27 21.37
CA ASN B 185 -8.24 -1.98 21.52
C ASN B 185 -7.84 -1.29 20.22
N GLU B 186 -8.44 -1.69 19.10
CA GLU B 186 -8.13 -1.07 17.82
C GLU B 186 -9.37 -0.48 17.16
N SER B 187 -9.16 0.59 16.40
CA SER B 187 -10.25 1.28 15.73
C SER B 187 -10.37 1.01 14.23
N ASN B 188 -9.26 0.78 13.55
CA ASN B 188 -9.29 0.53 12.12
C ASN B 188 -9.84 -0.84 11.72
N ILE B 189 -11.08 -1.11 12.11
CA ILE B 189 -11.75 -2.36 11.80
C ILE B 189 -13.25 -2.14 11.78
N ASP B 190 -13.93 -2.86 10.89
CA ASP B 190 -15.38 -2.77 10.78
C ASP B 190 -15.96 -3.18 12.13
N PRO B 191 -16.71 -2.27 12.78
CA PRO B 191 -17.32 -2.52 14.09
C PRO B 191 -18.12 -3.82 14.16
N THR B 192 -18.92 -4.10 13.13
CA THR B 192 -19.71 -5.31 13.09
C THR B 192 -18.80 -6.54 12.94
N TYR B 193 -17.72 -6.40 12.20
CA TYR B 193 -16.77 -7.49 12.01
C TYR B 193 -16.15 -7.81 13.36
N ALA B 194 -15.71 -6.78 14.07
CA ALA B 194 -15.11 -6.93 15.38
C ALA B 194 -16.09 -7.60 16.34
N LYS B 195 -17.29 -7.05 16.42
CA LYS B 195 -18.34 -7.56 17.32
C LYS B 195 -18.52 -9.07 17.26
N SER B 196 -18.62 -9.61 16.04
CA SER B 196 -18.78 -11.05 15.86
C SER B 196 -17.53 -11.79 16.32
N LEU B 197 -16.37 -11.23 16.00
CA LEU B 197 -15.10 -11.81 16.38
C LEU B 197 -14.93 -11.84 17.90
N GLN B 198 -15.55 -10.89 18.58
CA GLN B 198 -15.48 -10.82 20.04
C GLN B 198 -16.23 -11.99 20.65
N ALA B 199 -17.24 -12.49 19.93
CA ALA B 199 -18.04 -13.62 20.39
C ALA B 199 -17.21 -14.89 20.62
N ASN B 200 -16.59 -15.40 19.56
CA ASN B 200 -15.77 -16.60 19.70
C ASN B 200 -14.31 -16.30 20.01
N CYS B 201 -14.05 -15.14 20.62
CA CYS B 201 -12.70 -14.74 21.01
C CYS B 201 -12.82 -13.81 22.22
N PRO B 202 -13.10 -14.38 23.39
CA PRO B 202 -13.24 -13.63 24.65
C PRO B 202 -12.01 -12.83 25.00
N SER B 203 -12.22 -11.68 25.61
CA SER B 203 -11.12 -10.83 26.06
C SER B 203 -10.42 -11.54 27.21
N VAL B 204 -11.13 -12.47 27.81
CA VAL B 204 -10.62 -13.25 28.93
C VAL B 204 -10.74 -14.74 28.57
N GLY B 205 -9.59 -15.38 28.39
CA GLY B 205 -9.57 -16.80 28.08
C GLY B 205 -9.99 -17.15 26.67
N GLY B 206 -10.09 -18.45 26.40
CA GLY B 206 -10.48 -18.93 25.08
C GLY B 206 -9.42 -18.63 24.04
N ASP B 207 -8.17 -18.53 24.49
CA ASP B 207 -7.03 -18.25 23.61
C ASP B 207 -6.98 -19.15 22.37
N THR B 208 -7.28 -20.43 22.58
CA THR B 208 -7.27 -21.45 21.54
C THR B 208 -8.30 -21.23 20.42
N ASN B 209 -9.43 -20.62 20.77
CA ASN B 209 -10.50 -20.36 19.81
C ASN B 209 -9.96 -19.86 18.47
N LEU B 210 -10.21 -20.62 17.41
CA LEU B 210 -9.74 -20.27 16.08
C LEU B 210 -10.82 -19.55 15.30
N SER B 211 -10.38 -18.69 14.37
CA SER B 211 -11.26 -17.92 13.51
C SER B 211 -10.56 -17.80 12.15
N PRO B 212 -11.33 -17.83 11.04
CA PRO B 212 -10.77 -17.72 9.69
C PRO B 212 -10.04 -16.41 9.44
N PHE B 213 -8.99 -16.48 8.63
CA PHE B 213 -8.22 -15.29 8.28
C PHE B 213 -8.99 -14.49 7.23
N ASP B 214 -9.61 -15.19 6.30
CA ASP B 214 -10.39 -14.59 5.24
C ASP B 214 -11.84 -14.98 5.49
N VAL B 215 -12.61 -14.03 6.02
CA VAL B 215 -14.00 -14.24 6.34
C VAL B 215 -14.89 -14.49 5.13
N THR B 216 -14.48 -14.00 3.95
CA THR B 216 -15.26 -14.17 2.73
C THR B 216 -15.09 -15.58 2.16
N THR B 217 -13.83 -16.02 2.05
CA THR B 217 -13.51 -17.34 1.55
C THR B 217 -12.41 -17.92 2.42
N PRO B 218 -12.77 -18.45 3.61
CA PRO B 218 -11.84 -19.02 4.57
C PRO B 218 -10.89 -20.09 4.04
N ASN B 219 -11.41 -21.01 3.23
CA ASN B 219 -10.58 -22.09 2.70
C ASN B 219 -10.45 -22.17 1.19
N LYS B 220 -10.30 -21.00 0.56
CA LYS B 220 -10.13 -20.94 -0.89
C LYS B 220 -9.04 -19.91 -1.18
N PHE B 221 -8.04 -20.32 -1.96
CA PHE B 221 -6.94 -19.47 -2.30
C PHE B 221 -7.31 -18.51 -3.43
N ASP B 222 -7.59 -17.27 -3.05
CA ASP B 222 -7.99 -16.23 -3.99
C ASP B 222 -7.52 -14.88 -3.47
N ASN B 223 -7.91 -13.82 -4.18
CA ASN B 223 -7.53 -12.46 -3.83
C ASN B 223 -8.42 -11.78 -2.79
N ALA B 224 -9.43 -12.49 -2.30
CA ALA B 224 -10.37 -11.97 -1.31
C ALA B 224 -9.72 -11.36 -0.07
N TYR B 225 -8.48 -11.76 0.20
CA TYR B 225 -7.76 -11.23 1.35
C TYR B 225 -7.69 -9.71 1.23
N TYR B 226 -7.37 -9.25 0.04
CA TYR B 226 -7.23 -7.81 -0.23
C TYR B 226 -8.56 -7.08 -0.18
N ILE B 227 -9.64 -7.76 -0.57
CA ILE B 227 -10.97 -7.19 -0.54
C ILE B 227 -11.34 -6.94 0.91
N ASN B 228 -11.03 -7.90 1.79
CA ASN B 228 -11.30 -7.75 3.21
C ASN B 228 -10.54 -6.53 3.72
N LEU B 229 -9.26 -6.45 3.40
CA LEU B 229 -8.42 -5.34 3.82
C LEU B 229 -9.05 -4.00 3.48
N ARG B 230 -9.52 -3.85 2.24
CA ARG B 230 -10.17 -2.61 1.82
C ARG B 230 -11.40 -2.32 2.70
N ASN B 231 -12.19 -3.34 2.98
CA ASN B 231 -13.40 -3.20 3.82
C ASN B 231 -13.06 -3.29 5.31
N LYS B 232 -11.81 -3.01 5.65
CA LYS B 232 -11.32 -3.02 7.04
C LYS B 232 -11.69 -4.26 7.85
N LYS B 233 -11.70 -5.40 7.16
CA LYS B 233 -12.04 -6.68 7.79
C LYS B 233 -10.82 -7.60 7.89
N GLY B 234 -9.68 -7.03 8.29
CA GLY B 234 -8.47 -7.83 8.45
C GLY B 234 -8.47 -8.46 9.83
N LEU B 235 -8.01 -9.70 9.94
CA LEU B 235 -7.96 -10.40 11.23
C LEU B 235 -6.86 -9.90 12.16
N LEU B 236 -5.62 -10.00 11.72
CA LEU B 236 -4.49 -9.58 12.54
C LEU B 236 -4.17 -8.10 12.39
N HIS B 237 -3.42 -7.56 13.34
CA HIS B 237 -3.01 -6.16 13.31
C HIS B 237 -2.16 -5.99 12.06
N SER B 238 -1.24 -6.93 11.84
CA SER B 238 -0.34 -6.93 10.69
C SER B 238 -1.07 -6.96 9.35
N ASP B 239 -2.29 -7.50 9.34
CA ASP B 239 -3.09 -7.58 8.13
C ASP B 239 -3.65 -6.21 7.71
N GLN B 240 -4.25 -5.48 8.65
CA GLN B 240 -4.81 -4.18 8.33
C GLN B 240 -3.72 -3.12 8.12
N GLN B 241 -2.52 -3.40 8.61
CA GLN B 241 -1.40 -2.46 8.44
C GLN B 241 -1.08 -2.25 6.96
N LEU B 242 -1.57 -3.13 6.10
CA LEU B 242 -1.32 -3.01 4.66
C LEU B 242 -2.29 -2.06 3.95
N PHE B 243 -3.45 -1.81 4.56
CA PHE B 243 -4.42 -0.88 3.97
C PHE B 243 -4.87 0.10 5.05
N ASN B 244 -4.11 1.17 5.22
CA ASN B 244 -4.44 2.18 6.22
C ASN B 244 -3.75 3.51 5.88
N GLY B 245 -4.07 4.04 4.71
CA GLY B 245 -3.49 5.29 4.26
C GLY B 245 -1.97 5.27 4.11
N VAL B 246 -1.42 4.07 3.91
CA VAL B 246 0.02 3.89 3.75
C VAL B 246 0.42 3.51 2.33
N SER B 247 1.71 3.30 2.12
CA SER B 247 2.27 2.97 0.80
C SER B 247 1.74 1.70 0.15
N THR B 248 1.42 0.71 0.96
CA THR B 248 0.92 -0.57 0.47
C THR B 248 -0.54 -0.57 0.04
N ASP B 249 -1.25 0.53 0.28
CA ASP B 249 -2.67 0.64 -0.07
C ASP B 249 -2.96 0.38 -1.54
N SER B 250 -2.16 0.97 -2.41
CA SER B 250 -2.34 0.81 -3.85
C SER B 250 -2.23 -0.65 -4.28
N GLN B 251 -1.18 -1.34 -3.84
CA GLN B 251 -0.99 -2.73 -4.20
C GLN B 251 -2.16 -3.59 -3.74
N VAL B 252 -2.67 -3.30 -2.54
CA VAL B 252 -3.80 -4.04 -2.00
C VAL B 252 -5.02 -3.86 -2.92
N THR B 253 -5.26 -2.62 -3.35
CA THR B 253 -6.39 -2.30 -4.23
C THR B 253 -6.19 -2.94 -5.61
N ALA B 254 -4.95 -2.97 -6.08
CA ALA B 254 -4.64 -3.57 -7.38
C ALA B 254 -4.99 -5.05 -7.34
N TYR B 255 -4.58 -5.72 -6.28
CA TYR B 255 -4.85 -7.14 -6.11
C TYR B 255 -6.33 -7.46 -5.93
N SER B 256 -7.06 -6.62 -5.20
CA SER B 256 -8.48 -6.88 -5.00
C SER B 256 -9.29 -6.79 -6.30
N ASN B 257 -8.81 -5.98 -7.24
CA ASN B 257 -9.48 -5.80 -8.53
C ASN B 257 -9.02 -6.76 -9.62
N ASN B 258 -7.84 -7.35 -9.45
CA ASN B 258 -7.32 -8.30 -10.42
C ASN B 258 -6.71 -9.52 -9.74
N ALA B 259 -7.47 -10.61 -9.72
CA ALA B 259 -7.05 -11.85 -9.09
C ALA B 259 -5.87 -12.52 -9.78
N ALA B 260 -5.83 -12.43 -11.12
CA ALA B 260 -4.77 -13.04 -11.90
C ALA B 260 -3.39 -12.50 -11.55
N THR B 261 -3.28 -11.19 -11.37
CA THR B 261 -2.00 -10.60 -11.02
C THR B 261 -1.53 -11.12 -9.67
N PHE B 262 -2.49 -11.39 -8.79
CA PHE B 262 -2.17 -11.93 -7.48
C PHE B 262 -1.62 -13.34 -7.65
N ASN B 263 -2.39 -14.20 -8.31
CA ASN B 263 -1.98 -15.59 -8.53
C ASN B 263 -0.57 -15.69 -9.10
N THR B 264 -0.31 -14.91 -10.15
CA THR B 264 1.00 -14.88 -10.80
C THR B 264 2.11 -14.42 -9.84
N ASP B 265 1.92 -13.24 -9.25
CA ASP B 265 2.88 -12.67 -8.33
C ASP B 265 3.18 -13.55 -7.13
N PHE B 266 2.15 -14.22 -6.61
CA PHE B 266 2.33 -15.09 -5.45
C PHE B 266 3.24 -16.26 -5.79
N GLY B 267 2.99 -16.91 -6.92
CA GLY B 267 3.81 -18.03 -7.33
C GLY B 267 5.27 -17.61 -7.39
N ASN B 268 5.52 -16.46 -8.01
CA ASN B 268 6.87 -15.93 -8.14
C ASN B 268 7.50 -15.67 -6.79
N ALA B 269 6.71 -15.13 -5.86
CA ALA B 269 7.18 -14.83 -4.51
C ALA B 269 7.50 -16.13 -3.76
N MET B 270 6.72 -17.18 -4.01
CA MET B 270 6.97 -18.47 -3.36
C MET B 270 8.26 -19.09 -3.89
N ILE B 271 8.49 -18.99 -5.19
CA ILE B 271 9.72 -19.54 -5.78
C ILE B 271 10.92 -18.82 -5.19
N LYS B 272 10.77 -17.51 -4.97
CA LYS B 272 11.83 -16.70 -4.39
C LYS B 272 12.12 -17.14 -2.97
N MET B 273 11.08 -17.41 -2.21
CA MET B 273 11.23 -17.86 -0.82
C MET B 273 11.89 -19.23 -0.81
N GLY B 274 11.54 -20.06 -1.78
CA GLY B 274 12.11 -21.38 -1.87
C GLY B 274 13.61 -21.34 -2.12
N ASN B 275 14.13 -20.19 -2.52
CA ASN B 275 15.56 -20.04 -2.80
C ASN B 275 16.32 -19.42 -1.63
N LEU B 276 15.68 -19.33 -0.47
CA LEU B 276 16.33 -18.76 0.69
C LEU B 276 17.34 -19.73 1.26
N SER B 277 18.61 -19.33 1.22
CA SER B 277 19.76 -20.09 1.73
C SER B 277 19.65 -21.63 1.68
N PRO B 278 19.65 -22.21 0.47
CA PRO B 278 19.54 -23.67 0.38
C PRO B 278 20.87 -24.40 0.51
N LEU B 279 20.79 -25.65 0.93
CA LEU B 279 21.96 -26.51 1.05
C LEU B 279 21.81 -27.33 -0.21
N THR B 280 22.86 -27.43 -1.01
CA THR B 280 22.78 -28.20 -2.24
C THR B 280 24.02 -29.08 -2.40
N GLY B 281 24.25 -29.58 -3.60
CA GLY B 281 25.41 -30.41 -3.85
C GLY B 281 25.46 -31.62 -2.92
N THR B 282 26.55 -31.73 -2.18
CA THR B 282 26.73 -32.84 -1.26
C THR B 282 26.61 -32.46 0.22
N SER B 283 26.37 -31.19 0.49
CA SER B 283 26.25 -30.72 1.87
C SER B 283 24.89 -31.05 2.43
N GLY B 284 24.83 -31.19 3.75
CA GLY B 284 23.59 -31.53 4.40
C GLY B 284 23.39 -33.02 4.27
N GLN B 285 22.15 -33.45 4.14
CA GLN B 285 21.86 -34.86 4.00
C GLN B 285 20.41 -35.11 3.63
N ILE B 286 20.10 -36.33 3.21
CA ILE B 286 18.74 -36.69 2.87
C ILE B 286 18.28 -37.48 4.08
N ARG B 287 17.55 -36.81 4.96
CA ARG B 287 17.04 -37.46 6.16
C ARG B 287 16.10 -38.57 5.75
N THR B 288 16.13 -39.67 6.50
CA THR B 288 15.24 -40.78 6.25
C THR B 288 13.99 -40.53 7.10
N ASN B 289 14.19 -39.82 8.19
CA ASN B 289 13.12 -39.46 9.13
C ASN B 289 13.29 -37.96 9.30
N CYS B 290 12.29 -37.19 8.90
CA CYS B 290 12.38 -35.73 8.98
C CYS B 290 12.50 -35.16 10.39
N ARG B 291 12.24 -36.00 11.39
CA ARG B 291 12.31 -35.58 12.79
C ARG B 291 13.71 -35.70 13.38
N LYS B 292 14.59 -36.42 12.70
CA LYS B 292 15.92 -36.62 13.23
C LYS B 292 17.02 -36.69 12.17
N THR B 293 18.23 -36.36 12.61
CA THR B 293 19.40 -36.39 11.75
C THR B 293 19.79 -37.86 11.58
N ASN B 294 20.38 -38.18 10.43
CA ASN B 294 20.82 -39.55 10.19
C ASN B 294 22.04 -39.82 11.06
CA CA C . 4.00 28.85 -14.40
CA CA D . -9.62 12.41 1.56
CHA HEM E . 0.04 26.02 -2.44
CHB HEM E . 2.98 23.33 0.29
CHC HEM E . 2.98 19.99 -3.10
CHD HEM E . -0.52 22.27 -5.39
C1A HEM E . 0.82 25.59 -1.37
C2A HEM E . 1.13 26.37 -0.17
C3A HEM E . 1.92 25.58 0.61
C4A HEM E . 2.14 24.35 -0.13
CMA HEM E . 2.47 25.87 1.99
CAA HEM E . 0.75 27.81 0.19
CBA HEM E . -0.53 27.84 1.01
CGA HEM E . -0.79 29.19 1.65
O1A HEM E . 0.17 29.89 2.03
O2A HEM E . -1.97 29.55 1.81
C1B HEM E . 3.27 22.19 -0.42
C2B HEM E . 4.27 21.23 -0.03
C3B HEM E . 4.28 20.29 -0.99
C4B HEM E . 3.30 20.71 -1.98
CMB HEM E . 5.12 21.22 1.23
CAB HEM E . 4.97 19.09 -0.94
CBB HEM E . 6.31 18.87 -1.41
C1C HEM E . 1.96 20.29 -3.98
C2C HEM E . 1.38 19.29 -4.86
C3C HEM E . 0.29 19.89 -5.44
C4C HEM E . 0.25 21.26 -4.89
CMC HEM E . 1.86 17.86 -4.98
CAC HEM E . -0.68 19.33 -6.28
CBC HEM E . -0.46 18.33 -7.29
C1D HEM E . -0.44 23.58 -4.95
C2D HEM E . -1.11 24.69 -5.59
C3D HEM E . -0.96 25.73 -4.76
C4D HEM E . -0.17 25.30 -3.63
CMD HEM E . -1.75 24.66 -6.98
CAD HEM E . -1.58 27.10 -4.96
CBD HEM E . -2.89 27.15 -4.22
CGD HEM E . -3.65 28.44 -4.41
O1D HEM E . -4.85 28.46 -4.09
O2D HEM E . -3.07 29.44 -4.91
NA HEM E . 1.46 24.36 -1.35
NB HEM E . 2.70 21.88 -1.63
NC HEM E . 1.24 21.46 -3.95
ND HEM E . 0.23 24.00 -3.80
FE HEM E . 1.47 22.98 -2.72
C1 NAG F . 2.92 0.49 16.34
C2 NAG F . 3.91 0.47 17.53
C3 NAG F . 3.25 1.10 18.79
C4 NAG F . 2.74 2.52 18.43
C5 NAG F . 1.75 2.44 17.24
C6 NAG F . 1.31 3.83 16.76
C7 NAG F . 5.28 -1.53 17.14
C8 NAG F . 5.66 -2.94 17.56
N2 NAG F . 4.35 -0.89 17.85
O3 NAG F . 4.17 1.16 19.88
O4 NAG F . 2.11 3.11 19.55
O5 NAG F . 2.38 1.81 16.13
O6 NAG F . 2.42 4.44 16.13
O7 NAG F . 5.83 -1.01 16.16
CA CA G . -9.69 -16.95 0.60
CA CA H . 15.02 -23.38 8.11
CHA HEM I . -1.17 -18.13 10.11
CHB HEM I . 1.57 -14.34 11.34
CHC HEM I . 3.07 -14.03 6.81
CHD HEM I . 0.92 -18.21 5.77
C1A HEM I . -0.50 -17.17 10.88
C2A HEM I . -0.65 -16.95 12.31
C3A HEM I . 0.04 -15.84 12.64
C4A HEM I . 0.70 -15.41 11.42
CMA HEM I . 0.00 -15.12 13.98
CAA HEM I . -1.52 -17.76 13.24
CBA HEM I . -0.76 -18.50 14.31
CGA HEM I . -1.67 -19.21 15.26
O1A HEM I . -2.57 -18.55 15.85
O2A HEM I . -1.51 -20.44 15.44
C1B HEM I . 2.09 -13.85 10.15
C2B HEM I . 2.66 -12.53 10.03
C3B HEM I . 3.00 -12.37 8.73
C4B HEM I . 2.66 -13.63 8.07
CMB HEM I . 2.84 -11.49 11.14
CAB HEM I . 3.60 -11.20 8.23
CBB HEM I . 3.32 -10.63 6.94
C1C HEM I . 2.75 -15.22 6.18
C2C HEM I . 3.33 -15.68 4.95
C3C HEM I . 2.88 -16.95 4.75
C4C HEM I . 1.89 -17.19 5.79
CMC HEM I . 4.27 -14.89 4.07
CAC HEM I . 3.47 -17.95 3.96
CBC HEM I . 3.28 -18.09 2.55
C1D HEM I . -0.04 -18.40 6.75
C2D HEM I . -1.11 -19.39 6.72
C3D HEM I . -1.67 -19.36 7.96
C4D HEM I . -1.00 -18.34 8.73
CMD HEM I . -1.61 -20.15 5.51
CAD HEM I . -2.73 -20.28 8.49
CBD HEM I . -2.08 -21.52 9.09
CGD HEM I . -3.08 -22.55 9.55
O1D HEM I . -2.66 -23.58 10.11
O2D HEM I . -4.29 -22.34 9.36
NA HEM I . 0.36 -16.23 10.34
NB HEM I . 1.99 -14.47 8.93
NC HEM I . 1.89 -16.16 6.72
ND HEM I . -0.07 -17.70 7.96
FE HEM I . 0.96 -16.11 8.48
#